data_3NVH
# 
_entry.id   3NVH 
# 
_audit_conform.dict_name       mmcif_pdbx.dic 
_audit_conform.dict_version    5.387 
_audit_conform.dict_location   http://mmcif.pdb.org/dictionaries/ascii/mmcif_pdbx.dic 
# 
loop_
_database_2.database_id 
_database_2.database_code 
_database_2.pdbx_database_accession 
_database_2.pdbx_DOI 
PDB   3NVH         pdb_00003nvh 10.2210/pdb3nvh/pdb 
RCSB  RCSB060329   ?            ?                   
WWPDB D_1000060329 ?            ?                   
# 
loop_
_pdbx_audit_revision_history.ordinal 
_pdbx_audit_revision_history.data_content_type 
_pdbx_audit_revision_history.major_revision 
_pdbx_audit_revision_history.minor_revision 
_pdbx_audit_revision_history.revision_date 
1 'Structure model' 1 0 2011-03-02 
2 'Structure model' 1 1 2011-07-13 
3 'Structure model' 1 2 2024-02-21 
# 
_pdbx_audit_revision_details.ordinal             1 
_pdbx_audit_revision_details.revision_ordinal    1 
_pdbx_audit_revision_details.data_content_type   'Structure model' 
_pdbx_audit_revision_details.provider            repository 
_pdbx_audit_revision_details.type                'Initial release' 
_pdbx_audit_revision_details.description         ? 
_pdbx_audit_revision_details.details             ? 
# 
loop_
_pdbx_audit_revision_group.ordinal 
_pdbx_audit_revision_group.revision_ordinal 
_pdbx_audit_revision_group.data_content_type 
_pdbx_audit_revision_group.group 
1 2 'Structure model' 'Version format compliance' 
2 3 'Structure model' 'Data collection'           
3 3 'Structure model' 'Database references'       
4 3 'Structure model' 'Derived calculations'      
# 
loop_
_pdbx_audit_revision_category.ordinal 
_pdbx_audit_revision_category.revision_ordinal 
_pdbx_audit_revision_category.data_content_type 
_pdbx_audit_revision_category.category 
1 3 'Structure model' chem_comp_atom 
2 3 'Structure model' chem_comp_bond 
3 3 'Structure model' database_2     
4 3 'Structure model' struct_site    
# 
loop_
_pdbx_audit_revision_item.ordinal 
_pdbx_audit_revision_item.revision_ordinal 
_pdbx_audit_revision_item.data_content_type 
_pdbx_audit_revision_item.item 
1 3 'Structure model' '_database_2.pdbx_DOI'                
2 3 'Structure model' '_database_2.pdbx_database_accession' 
3 3 'Structure model' '_struct_site.pdbx_auth_asym_id'      
4 3 'Structure model' '_struct_site.pdbx_auth_comp_id'      
5 3 'Structure model' '_struct_site.pdbx_auth_seq_id'       
# 
_pdbx_database_status.entry_id                        3NVH 
_pdbx_database_status.status_code                     REL 
_pdbx_database_status.deposit_site                    RCSB 
_pdbx_database_status.process_site                    RCSB 
_pdbx_database_status.recvd_initial_deposition_date   2010-07-08 
_pdbx_database_status.status_code_sf                  REL 
_pdbx_database_status.status_code_mr                  ? 
_pdbx_database_status.SG_entry                        ? 
_pdbx_database_status.status_code_cs                  ? 
_pdbx_database_status.pdb_format_compatible           Y 
_pdbx_database_status.status_code_nmr_data            ? 
_pdbx_database_status.methods_development_category    ? 
# 
loop_
_pdbx_database_related.db_name 
_pdbx_database_related.db_id 
_pdbx_database_related.details 
_pdbx_database_related.content_type 
PDB 3NVE 'MMHFGN hexapeptide (residues 138-143) from golden hamster prion protein' unspecified 
PDB 3NVF 'IIHFGS hexapeptide (residues 138-143) from human prion protein'          unspecified 
PDB 3NVG 'MIHFGN hexapeptide (residues 137-142) from mouse prion protein'          unspecified 
# 
loop_
_audit_author.name 
_audit_author.pdbx_ordinal 
'Apostol, M.I.' 1 
'Sawaya, M.R.'  2 
'Eisenberg, D.' 3 
# 
_citation.id                        primary 
_citation.title                     'Atomic structures suggest determinants of transmission barriers in Mammalian prion disease.' 
_citation.journal_abbrev            Biochemistry 
_citation.journal_volume            50 
_citation.page_first                2456 
_citation.page_last                 2463 
_citation.year                      2011 
_citation.journal_id_ASTM           BICHAW 
_citation.country                   US 
_citation.journal_id_ISSN           0006-2960 
_citation.journal_id_CSD            0033 
_citation.book_publisher            ? 
_citation.pdbx_database_id_PubMed   21323366 
_citation.pdbx_database_id_DOI      10.1021/bi101803k 
# 
loop_
_citation_author.citation_id 
_citation_author.name 
_citation_author.ordinal 
_citation_author.identifier_ORCID 
primary 'Apostol, M.I.'  1 ? 
primary 'Wiltzius, J.J.' 2 ? 
primary 'Sawaya, M.R.'   3 ? 
primary 'Cascio, D.'     4 ? 
primary 'Eisenberg, D.'  5 ? 
# 
loop_
_entity.id 
_entity.type 
_entity.src_method 
_entity.pdbx_description 
_entity.formula_weight 
_entity.pdbx_number_of_molecules 
_entity.pdbx_ec 
_entity.pdbx_mutation 
_entity.pdbx_fragment 
_entity.details 
1 polymer     syn 'Major prion protein'  833.932 1 ? ? ? ? 
2 non-polymer syn 'trifluoroacetic acid' 114.023 1 ? ? ? ? 
3 water       nat water                  18.015  3 ? ? ? ? 
# 
_entity_name_com.entity_id   1 
_entity_name_com.name        'PrP, PrP27-30, PrP33-35C' 
# 
_entity_poly.entity_id                      1 
_entity_poly.type                           'polypeptide(L)' 
_entity_poly.nstd_linkage                   no 
_entity_poly.nstd_monomer                   no 
_entity_poly.pdbx_seq_one_letter_code       MIHFGND 
_entity_poly.pdbx_seq_one_letter_code_can   MIHFGND 
_entity_poly.pdbx_strand_id                 A 
_entity_poly.pdbx_target_identifier         ? 
# 
loop_
_pdbx_entity_nonpoly.entity_id 
_pdbx_entity_nonpoly.name 
_pdbx_entity_nonpoly.comp_id 
2 'trifluoroacetic acid' TFA 
3 water                  HOH 
# 
loop_
_entity_poly_seq.entity_id 
_entity_poly_seq.num 
_entity_poly_seq.mon_id 
_entity_poly_seq.hetero 
1 1 MET n 
1 2 ILE n 
1 3 HIS n 
1 4 PHE n 
1 5 GLY n 
1 6 ASN n 
1 7 ASP n 
# 
_pdbx_entity_src_syn.entity_id              1 
_pdbx_entity_src_syn.pdbx_src_id            1 
_pdbx_entity_src_syn.pdbx_alt_source_flag   sample 
_pdbx_entity_src_syn.pdbx_beg_seq_num       ? 
_pdbx_entity_src_syn.pdbx_end_seq_num       ? 
_pdbx_entity_src_syn.organism_scientific    'Mus musculus' 
_pdbx_entity_src_syn.organism_common_name   mouse 
_pdbx_entity_src_syn.ncbi_taxonomy_id       10090 
_pdbx_entity_src_syn.details                'MIHFGND peptide (residues 137-143) from mouse prion' 
# 
loop_
_chem_comp.id 
_chem_comp.type 
_chem_comp.mon_nstd_flag 
_chem_comp.name 
_chem_comp.pdbx_synonyms 
_chem_comp.formula 
_chem_comp.formula_weight 
ASN 'L-peptide linking' y ASPARAGINE             ? 'C4 H8 N2 O3'    132.118 
ASP 'L-peptide linking' y 'ASPARTIC ACID'        ? 'C4 H7 N O4'     133.103 
GLY 'peptide linking'   y GLYCINE                ? 'C2 H5 N O2'     75.067  
HIS 'L-peptide linking' y HISTIDINE              ? 'C6 H10 N3 O2 1' 156.162 
HOH non-polymer         . WATER                  ? 'H2 O'           18.015  
ILE 'L-peptide linking' y ISOLEUCINE             ? 'C6 H13 N O2'    131.173 
MET 'L-peptide linking' y METHIONINE             ? 'C5 H11 N O2 S'  149.211 
PHE 'L-peptide linking' y PHENYLALANINE          ? 'C9 H11 N O2'    165.189 
TFA non-polymer         . 'trifluoroacetic acid' ? 'C2 H F3 O2'     114.023 
# 
loop_
_pdbx_poly_seq_scheme.asym_id 
_pdbx_poly_seq_scheme.entity_id 
_pdbx_poly_seq_scheme.seq_id 
_pdbx_poly_seq_scheme.mon_id 
_pdbx_poly_seq_scheme.ndb_seq_num 
_pdbx_poly_seq_scheme.pdb_seq_num 
_pdbx_poly_seq_scheme.auth_seq_num 
_pdbx_poly_seq_scheme.pdb_mon_id 
_pdbx_poly_seq_scheme.auth_mon_id 
_pdbx_poly_seq_scheme.pdb_strand_id 
_pdbx_poly_seq_scheme.pdb_ins_code 
_pdbx_poly_seq_scheme.hetero 
A 1 1 MET 1 1 1 MET MET A . n 
A 1 2 ILE 2 2 2 ILE ILE A . n 
A 1 3 HIS 3 3 3 HIS HIS A . n 
A 1 4 PHE 4 4 4 PHE PHE A . n 
A 1 5 GLY 5 5 5 GLY GLY A . n 
A 1 6 ASN 6 6 6 ASN ASN A . n 
A 1 7 ASP 7 7 7 ASP ASP A . n 
# 
loop_
_pdbx_nonpoly_scheme.asym_id 
_pdbx_nonpoly_scheme.entity_id 
_pdbx_nonpoly_scheme.mon_id 
_pdbx_nonpoly_scheme.ndb_seq_num 
_pdbx_nonpoly_scheme.pdb_seq_num 
_pdbx_nonpoly_scheme.auth_seq_num 
_pdbx_nonpoly_scheme.pdb_mon_id 
_pdbx_nonpoly_scheme.auth_mon_id 
_pdbx_nonpoly_scheme.pdb_strand_id 
_pdbx_nonpoly_scheme.pdb_ins_code 
B 2 TFA 1 8  1 TFA TFA A . 
C 3 HOH 1 9  1 HOH HOH A . 
C 3 HOH 2 10 2 HOH HOH A . 
C 3 HOH 3 11 3 HOH HOH A . 
# 
loop_
_software.pdbx_ordinal 
_software.name 
_software.version 
_software.date 
_software.type 
_software.contact_author 
_software.contact_author_email 
_software.classification 
_software.location 
_software.language 
_software.citation_id 
1 DENZO       .     ?                          program 'Zbyszek Otwinowski' hkl@hkl-xray.com            'data reduction'  
http://www.hkl-xray.com/                     ?          ? 
2 SCALEPACK   .     ?                          program 'Zbyszek Otwinowski' hkl@hkl-xray.com            'data scaling'    
http://www.hkl-xray.com/                     ?          ? 
3 PHASER      1.3.2 'Wed Feb 15 11:59:26 2006' program 'Randy J. Read'      cimr-phaser@lists.cam.ac.uk phasing           
http://www-structmed.cimr.cam.ac.uk/phaser/  ?          ? 
4 REFMAC      .     ?                          program 'Garib N. Murshudov' garib@ysbl.york.ac.uk       refinement        
http://www.ccp4.ac.uk/dist/html/refmac5.html Fortran_77 ? 
5 PDB_EXTRACT 3.10  'June 10, 2010'            package PDB                  deposit@deposit.rcsb.org    'data extraction' 
http://sw-tools.pdb.org/apps/PDB_EXTRACT/    C++        ? 
# 
_cell.length_a           30.280 
_cell.length_b           4.873 
_cell.length_c           31.107 
_cell.angle_alpha        90.000 
_cell.angle_beta         90.000 
_cell.angle_gamma        90.000 
_cell.entry_id           3NVH 
_cell.pdbx_unique_axis   ? 
_cell.Z_PDB              4 
_cell.length_a_esd       ? 
_cell.length_b_esd       ? 
_cell.length_c_esd       ? 
_cell.angle_alpha_esd    ? 
_cell.angle_beta_esd     ? 
_cell.angle_gamma_esd    ? 
# 
_symmetry.space_group_name_H-M             'P 21 21 21' 
_symmetry.entry_id                         3NVH 
_symmetry.Int_Tables_number                19 
_symmetry.pdbx_full_space_group_name_H-M   ? 
_symmetry.cell_setting                     ? 
_symmetry.space_group_name_Hall            ? 
# 
_exptl.crystals_number   1 
_exptl.entry_id          3NVH 
_exptl.method            'X-RAY DIFFRACTION' 
# 
_exptl_crystal.id                    1 
_exptl_crystal.density_Matthews      1.38 
_exptl_crystal.density_meas          ? 
_exptl_crystal.density_percent_sol   10.61 
_exptl_crystal.description           ? 
_exptl_crystal.F_000                 ? 
_exptl_crystal.preparation           ? 
# 
_exptl_crystal_grow.crystal_id      1 
_exptl_crystal_grow.method          'VAPOR DIFFUSION, HANGING DROP' 
_exptl_crystal_grow.pH              7.0 
_exptl_crystal_grow.temp            298 
_exptl_crystal_grow.pdbx_details    '100mM HEPES ph 7.0, 10% PEG 1200, vapor diffusion, hanging drop, temperature 298K' 
_exptl_crystal_grow.temp_details    ? 
_exptl_crystal_grow.pdbx_pH_range   ? 
# 
_diffrn.id                     1 
_diffrn.ambient_temp           100 
_diffrn.ambient_temp_details   ? 
_diffrn.crystal_id             1 
# 
_diffrn_detector.diffrn_id              1 
_diffrn_detector.detector               CCD 
_diffrn_detector.type                   'MAR CCD 165' 
_diffrn_detector.pdbx_collection_date   2005-12-18 
_diffrn_detector.details                ? 
# 
_diffrn_radiation.diffrn_id                        1 
_diffrn_radiation.pdbx_diffrn_protocol             'SINGLE WAVELENGTH' 
_diffrn_radiation.monochromator                    ? 
_diffrn_radiation.wavelength_id                    1 
_diffrn_radiation.pdbx_monochromatic_or_laue_m_l   M 
_diffrn_radiation.pdbx_scattering_type             x-ray 
# 
_diffrn_radiation_wavelength.id           1 
_diffrn_radiation_wavelength.wavelength   0.9466 
_diffrn_radiation_wavelength.wt           1.0 
# 
_diffrn_source.diffrn_id                   1 
_diffrn_source.source                      SYNCHROTRON 
_diffrn_source.type                        'ESRF BEAMLINE ID13' 
_diffrn_source.pdbx_wavelength_list        0.9466 
_diffrn_source.pdbx_wavelength             ? 
_diffrn_source.pdbx_synchrotron_site       ESRF 
_diffrn_source.pdbx_synchrotron_beamline   ID13 
# 
_reflns.entry_id                     3NVH 
_reflns.d_resolution_high            1.61 
_reflns.d_resolution_low             90.000 
_reflns.number_obs                   714 
_reflns.pdbx_Rmerge_I_obs            0.206 
_reflns.pdbx_netI_over_sigmaI        7.000 
_reflns.pdbx_chi_squared             1.038 
_reflns.pdbx_redundancy              6.300 
_reflns.percent_possible_obs         97.300 
_reflns.observed_criterion_sigma_F   ? 
_reflns.observed_criterion_sigma_I   ? 
_reflns.number_all                   ? 
_reflns.pdbx_Rsym_value              ? 
_reflns.B_iso_Wilson_estimate        ? 
_reflns.R_free_details               ? 
_reflns.limit_h_max                  ? 
_reflns.limit_h_min                  ? 
_reflns.limit_k_max                  ? 
_reflns.limit_k_min                  ? 
_reflns.limit_l_max                  ? 
_reflns.limit_l_min                  ? 
_reflns.observed_criterion_F_max     ? 
_reflns.observed_criterion_F_min     ? 
_reflns.pdbx_scaling_rejects         ? 
_reflns.pdbx_diffrn_id               1 
_reflns.pdbx_ordinal                 1 
# 
loop_
_reflns_shell.d_res_high 
_reflns_shell.d_res_low 
_reflns_shell.number_measured_obs 
_reflns_shell.number_measured_all 
_reflns_shell.number_unique_obs 
_reflns_shell.Rmerge_I_obs 
_reflns_shell.meanI_over_sigI_obs 
_reflns_shell.pdbx_Rsym_value 
_reflns_shell.pdbx_chi_squared 
_reflns_shell.pdbx_redundancy 
_reflns_shell.percent_possible_obs 
_reflns_shell.number_unique_all 
_reflns_shell.percent_possible_all 
_reflns_shell.pdbx_diffrn_id 
_reflns_shell.pdbx_ordinal 
1.61  1.710  ? ? ? 0.280 ? ? 1.052 2.700  ? 55  88.700  ? 1  
1.710 1.780  ? ? ? 0.216 ? ? 0.927 3.000  ? 62  93.900  ? 2  
1.780 1.860  ? ? ? 0.265 ? ? 1.175 3.000  ? 57  95.000  ? 3  
1.860 1.960  ? ? ? 0.160 ? ? 0.972 3.100  ? 64  94.100  ? 4  
1.960 2.080  ? ? ? 0.229 ? ? 1.075 5.600  ? 70  98.600  ? 5  
2.080 2.240  ? ? ? 0.258 ? ? 1.099 7.700  ? 78  98.700  ? 6  
2.240 2.460  ? ? ? 0.219 ? ? 1.015 6.600  ? 86  100.000 ? 7  
2.460 2.820  ? ? ? 0.303 ? ? 1.027 10.000 ? 62  100.000 ? 8  
2.820 3.550  ? ? ? 0.205 ? ? 1.025 10.300 ? 75  100.000 ? 9  
3.550 90.000 ? ? ? 0.157 ? ? 1.020 8.100  ? 105 100.000 ? 10 
# 
_refine.entry_id                                 3NVH 
_refine.ls_d_res_high                            1.61 
_refine.ls_d_res_low                             21.7 
_refine.pdbx_ls_sigma_F                          0.000 
_refine.pdbx_data_cutoff_high_absF               ? 
_refine.pdbx_data_cutoff_low_absF                ? 
_refine.ls_percent_reflns_obs                    94.1800 
_refine.ls_number_reflns_obs                     696 
_refine.ls_number_reflns_all                     ? 
_refine.pdbx_ls_cross_valid_method               THROUGHOUT 
_refine.pdbx_R_Free_selection_details            RANDOM 
_refine.details                                  'HYDROGENS HAVE BEEN ADDED IN THE RIDING POSITIONS' 
_refine.ls_R_factor_all                          ? 
_refine.ls_R_factor_obs                          0.1690 
_refine.ls_R_factor_R_work                       0.1659 
_refine.ls_wR_factor_R_work                      0.1692 
_refine.ls_R_factor_R_free                       0.1972 
_refine.ls_wR_factor_R_free                      0.2110 
_refine.ls_percent_reflns_R_free                 10.3000 
_refine.ls_number_reflns_R_free                  72 
_refine.ls_R_factor_R_free_error                 ? 
_refine.B_iso_mean                               12.4124 
_refine.solvent_model_param_bsol                 ? 
_refine.solvent_model_param_ksol                 ? 
_refine.pdbx_isotropic_thermal_model             ? 
_refine.aniso_B[1][1]                            -0.4800 
_refine.aniso_B[2][2]                            -0.6300 
_refine.aniso_B[3][3]                            1.1200 
_refine.aniso_B[1][2]                            0.0000 
_refine.aniso_B[1][3]                            0.0000 
_refine.aniso_B[2][3]                            0.0000 
_refine.correlation_coeff_Fo_to_Fc               0.9660 
_refine.correlation_coeff_Fo_to_Fc_free          0.9550 
_refine.overall_SU_R_Cruickshank_DPI             0.1375 
_refine.overall_SU_R_free                        0.1171 
_refine.pdbx_overall_ESU_R_Free                  0.1170 
_refine.overall_SU_ML                            0.0570 
_refine.overall_SU_B                             1.6410 
_refine.solvent_model_details                    MASK 
_refine.pdbx_solvent_vdw_probe_radii             1.4000 
_refine.pdbx_solvent_ion_probe_radii             0.8000 
_refine.pdbx_solvent_shrinkage_radii             0.8000 
_refine.ls_number_parameters                     ? 
_refine.ls_number_restraints                     ? 
_refine.pdbx_starting_model                      ? 
_refine.pdbx_method_to_determine_struct          'MOLECULAR REPLACEMENT' 
_refine.pdbx_stereochemistry_target_values       'MAXIMUM LIKELIHOOD' 
_refine.pdbx_stereochem_target_val_spec_case     ? 
_refine.overall_FOM_work_R_set                   0.8962 
_refine.B_iso_max                                39.480 
_refine.B_iso_min                                5.090 
_refine.occupancy_max                            1.000 
_refine.occupancy_min                            0.500 
_refine.pdbx_ls_sigma_I                          ? 
_refine.ls_redundancy_reflns_obs                 ? 
_refine.ls_R_factor_R_free_error_details         ? 
_refine.pdbx_data_cutoff_high_rms_absF           ? 
_refine.overall_FOM_free_R_set                   ? 
_refine.pdbx_overall_phase_error                 ? 
_refine.pdbx_refine_id                           'X-RAY DIFFRACTION' 
_refine.pdbx_overall_ESU_R                       ? 
_refine.pdbx_diffrn_id                           1 
_refine.pdbx_TLS_residual_ADP_flag               ? 
_refine.pdbx_overall_SU_R_free_Cruickshank_DPI   ? 
_refine.pdbx_overall_SU_R_Blow_DPI               ? 
_refine.pdbx_overall_SU_R_free_Blow_DPI          ? 
# 
_refine_hist.pdbx_refine_id                   'X-RAY DIFFRACTION' 
_refine_hist.cycle_id                         LAST 
_refine_hist.pdbx_number_atoms_protein        58 
_refine_hist.pdbx_number_atoms_nucleic_acid   0 
_refine_hist.pdbx_number_atoms_ligand         7 
_refine_hist.number_atoms_solvent             3 
_refine_hist.number_atoms_total               68 
_refine_hist.d_res_high                       1.61 
_refine_hist.d_res_low                        21.7 
# 
loop_
_refine_ls_restr.type 
_refine_ls_restr.number 
_refine_ls_restr.dev_ideal 
_refine_ls_restr.dev_ideal_target 
_refine_ls_restr.weight 
_refine_ls_restr.pdbx_refine_id 
_refine_ls_restr.pdbx_restraint_function 
r_bond_refined_d       73  0.009  0.021  ? 'X-RAY DIFFRACTION' ? 
r_bond_other_d         41  0.001  0.020  ? 'X-RAY DIFFRACTION' ? 
r_angle_refined_deg    97  1.297  2.003  ? 'X-RAY DIFFRACTION' ? 
r_angle_other_deg      101 0.609  3.000  ? 'X-RAY DIFFRACTION' ? 
r_dihedral_angle_1_deg 7   7.780  5.000  ? 'X-RAY DIFFRACTION' ? 
r_dihedral_angle_2_deg 4   38.995 25.000 ? 'X-RAY DIFFRACTION' ? 
r_dihedral_angle_3_deg 12  11.468 15.000 ? 'X-RAY DIFFRACTION' ? 
r_chiral_restr         9   0.088  0.200  ? 'X-RAY DIFFRACTION' ? 
r_gen_planes_refined   78  0.007  0.020  ? 'X-RAY DIFFRACTION' ? 
r_gen_planes_other     14  0.001  0.020  ? 'X-RAY DIFFRACTION' ? 
r_mcbond_it            42  0.827  1.500  ? 'X-RAY DIFFRACTION' ? 
r_mcbond_other         15  0.204  1.500  ? 'X-RAY DIFFRACTION' ? 
r_mcangle_it           66  1.469  2.000  ? 'X-RAY DIFFRACTION' ? 
r_scbond_it            31  1.535  3.000  ? 'X-RAY DIFFRACTION' ? 
r_scangle_it           31  2.114  4.500  ? 'X-RAY DIFFRACTION' ? 
# 
_refine_ls_shell.d_res_high                       1.61 
_refine_ls_shell.d_res_low                        1.7970 
_refine_ls_shell.pdbx_total_number_of_bins_used   5 
_refine_ls_shell.percent_reflns_obs               79.4400 
_refine_ls_shell.number_reflns_R_work             120 
_refine_ls_shell.R_factor_all                     ? 
_refine_ls_shell.R_factor_R_work                  0.2320 
_refine_ls_shell.R_factor_R_free                  0.2990 
_refine_ls_shell.percent_reflns_R_free            ? 
_refine_ls_shell.number_reflns_R_free             23 
_refine_ls_shell.R_factor_R_free_error            ? 
_refine_ls_shell.number_reflns_all                143 
_refine_ls_shell.number_reflns_obs                ? 
_refine_ls_shell.redundancy_reflns_obs            ? 
_refine_ls_shell.pdbx_refine_id                   'X-RAY DIFFRACTION' 
# 
_struct.entry_id                  3NVH 
_struct.title                     'MIHFGND segment 137-143 from mouse prion' 
_struct.pdbx_model_details        ? 
_struct.pdbx_CASP_flag            ? 
_struct.pdbx_model_type_details   ? 
# 
_struct_keywords.entry_id        3NVH 
_struct_keywords.text            'amyloid-like protofibril, PROTEIN FIBRIL' 
_struct_keywords.pdbx_keywords   'PROTEIN FIBRIL' 
# 
loop_
_struct_asym.id 
_struct_asym.pdbx_blank_PDB_chainid_flag 
_struct_asym.pdbx_modified 
_struct_asym.entity_id 
_struct_asym.details 
A N N 1 ? 
B N N 2 ? 
C N N 3 ? 
# 
_struct_ref.id                         1 
_struct_ref.db_name                    UNP 
_struct_ref.db_code                    PRIO_MOUSE 
_struct_ref.pdbx_db_accession          P04925 
_struct_ref.entity_id                  1 
_struct_ref.pdbx_seq_one_letter_code   MIHFGND 
_struct_ref.pdbx_align_begin           137 
_struct_ref.pdbx_db_isoform            ? 
# 
_struct_ref_seq.align_id                      1 
_struct_ref_seq.ref_id                        1 
_struct_ref_seq.pdbx_PDB_id_code              3NVH 
_struct_ref_seq.pdbx_strand_id                A 
_struct_ref_seq.seq_align_beg                 1 
_struct_ref_seq.pdbx_seq_align_beg_ins_code   ? 
_struct_ref_seq.seq_align_end                 7 
_struct_ref_seq.pdbx_seq_align_end_ins_code   ? 
_struct_ref_seq.pdbx_db_accession             P04925 
_struct_ref_seq.db_align_beg                  137 
_struct_ref_seq.pdbx_db_align_beg_ins_code    ? 
_struct_ref_seq.db_align_end                  143 
_struct_ref_seq.pdbx_db_align_end_ins_code    ? 
_struct_ref_seq.pdbx_auth_seq_align_beg       1 
_struct_ref_seq.pdbx_auth_seq_align_end       7 
# 
_pdbx_struct_assembly.id                   1 
_pdbx_struct_assembly.details              author_defined_assembly 
_pdbx_struct_assembly.method_details       ? 
_pdbx_struct_assembly.oligomeric_details   decameric 
_pdbx_struct_assembly.oligomeric_count     10 
# 
_pdbx_struct_assembly_gen.assembly_id       1 
_pdbx_struct_assembly_gen.oper_expression   1,2,3,4,5,6,7,8,9,10 
_pdbx_struct_assembly_gen.asym_id_list      A,B,C 
# 
loop_
_pdbx_struct_oper_list.id 
_pdbx_struct_oper_list.type 
_pdbx_struct_oper_list.name 
_pdbx_struct_oper_list.symmetry_operation 
_pdbx_struct_oper_list.matrix[1][1] 
_pdbx_struct_oper_list.matrix[1][2] 
_pdbx_struct_oper_list.matrix[1][3] 
_pdbx_struct_oper_list.vector[1] 
_pdbx_struct_oper_list.matrix[2][1] 
_pdbx_struct_oper_list.matrix[2][2] 
_pdbx_struct_oper_list.matrix[2][3] 
_pdbx_struct_oper_list.vector[2] 
_pdbx_struct_oper_list.matrix[3][1] 
_pdbx_struct_oper_list.matrix[3][2] 
_pdbx_struct_oper_list.matrix[3][3] 
_pdbx_struct_oper_list.vector[3] 
1  'identity operation'         1_555 x,y,z           1.0000000000  0.0000000000  0.0000000000 0.0000000000   0.0000000000  1.0000000000  0.0000000000  0.0000000000  0.0000000000 0.0000000000  1.0000000000  0.0000000000  
2  'crystal symmetry operation' 1_575 x,y+2,z         1.0000000000  0.0000000000  0.0000000000 -6.6499333831  0.0000000000  1.0000000000  0.0000000000  5.2096035340  0.0000000000 0.0000000000  1.0000000000  -4.8603428910 
3  'crystal symmetry operation' 1_565 x,y+1,z         1.0000000000  0.0000000000  0.0000000000 -3.3249666916  0.0000000000  1.0000000000  0.0000000000  2.6048017670  0.0000000000 0.0000000000  1.0000000000  -2.4301714455 
4  'crystal symmetry operation' 1_545 x,y-1,z         1.0000000000  0.0000000000  0.0000000000 3.3249666916   0.0000000000  1.0000000000  0.0000000000  -2.6048017670 0.0000000000 0.0000000000  1.0000000000  2.4301714455  
5  'crystal symmetry operation' 1_535 x,y-2,z         1.0000000000  0.0000000000  0.0000000000 6.6499333831   0.0000000000  1.0000000000  0.0000000000  -5.2096035340 0.0000000000 0.0000000000  1.0000000000  4.8603428910  
6  'crystal symmetry operation' 3_574 -x,y+5/2,-z-1/2 -0.0688668877 -0.7294560822 0.6805521111 -12.2287747442 -0.7294560822 -0.4285390899 -0.5331492030 11.8403824523 0.6805521111 -0.5331492030 -0.5025940224 4.9942136219  
7  'crystal symmetry operation' 3_564 -x,y+3/2,-z-1/2 -0.0688668877 -0.7294560822 0.6805521111 -8.9038080526  -0.7294560822 -0.4285390899 -0.5331492030 9.2355806853  0.6805521111 -0.5331492030 -0.5025940224 7.4243850674  
8  'crystal symmetry operation' 3_554 -x,y+1/2,-z-1/2 -0.0688668877 -0.7294560822 0.6805521111 -5.5788413611  -0.7294560822 -0.4285390899 -0.5331492030 6.6307789183  0.6805521111 -0.5331492030 -0.5025940224 9.8545565130  
9  'crystal symmetry operation' 3_544 -x,y-1/2,-z-1/2 -0.0688668877 -0.7294560822 0.6805521111 -2.2538746695  -0.7294560822 -0.4285390899 -0.5331492030 4.0259771513  0.6805521111 -0.5331492030 -0.5025940224 12.2847279585 
10 'crystal symmetry operation' 3_534 -x,y-3/2,-z-1/2 -0.0688668877 -0.7294560822 0.6805521111 1.0710920220   -0.7294560822 -0.4285390899 -0.5331492030 1.4211753843  0.6805521111 -0.5331492030 -0.5025940224 14.7148994040 
# 
_struct_biol.id        1 
_struct_biol.details   ? 
# 
_struct_site.id                   AC1 
_struct_site.pdbx_evidence_code   Software 
_struct_site.pdbx_auth_asym_id    A 
_struct_site.pdbx_auth_comp_id    TFA 
_struct_site.pdbx_auth_seq_id     8 
_struct_site.pdbx_auth_ins_code   ? 
_struct_site.pdbx_num_residues    13 
_struct_site.details              'BINDING SITE FOR RESIDUE TFA A 8' 
# 
loop_
_struct_site_gen.id 
_struct_site_gen.site_id 
_struct_site_gen.pdbx_num_res 
_struct_site_gen.label_comp_id 
_struct_site_gen.label_asym_id 
_struct_site_gen.label_seq_id 
_struct_site_gen.pdbx_auth_ins_code 
_struct_site_gen.auth_comp_id 
_struct_site_gen.auth_asym_id 
_struct_site_gen.auth_seq_id 
_struct_site_gen.label_atom_id 
_struct_site_gen.label_alt_id 
_struct_site_gen.symmetry 
_struct_site_gen.details 
1  AC1 13 MET A 1 ? MET A 1 . ? 4_445 ? 
2  AC1 13 MET A 1 ? MET A 1 . ? 4_455 ? 
3  AC1 13 ILE A 2 ? ILE A 2 . ? 3_554 ? 
4  AC1 13 ILE A 2 ? ILE A 2 . ? 3_564 ? 
5  AC1 13 HIS A 3 ? HIS A 3 . ? 4_455 ? 
6  AC1 13 PHE A 4 ? PHE A 4 . ? 3_564 ? 
7  AC1 13 PHE A 4 ? PHE A 4 . ? 3_554 ? 
8  AC1 13 ASN A 6 ? ASN A 6 . ? 1_565 ? 
9  AC1 13 ASN A 6 ? ASN A 6 . ? 1_555 ? 
10 AC1 13 ASP A 7 ? ASP A 7 . ? 4_455 ? 
11 AC1 13 ASP A 7 ? ASP A 7 . ? 4_465 ? 
12 AC1 13 HOH C . ? HOH A 9 . ? 1_565 ? 
13 AC1 13 HOH C . ? HOH A 9 . ? 1_555 ? 
# 
_pdbx_phasing_MR.entry_id                     3NVH 
_pdbx_phasing_MR.method_rotation              ? 
_pdbx_phasing_MR.method_translation           ? 
_pdbx_phasing_MR.model_details                'Phaser MODE: MR_AUTO' 
_pdbx_phasing_MR.R_factor                     ? 
_pdbx_phasing_MR.R_rigid_body                 ? 
_pdbx_phasing_MR.correlation_coeff_Fo_to_Fc   ? 
_pdbx_phasing_MR.correlation_coeff_Io_to_Ic   ? 
_pdbx_phasing_MR.d_res_high_rotation          2.500 
_pdbx_phasing_MR.d_res_low_rotation           21.700 
_pdbx_phasing_MR.d_res_high_translation       2.500 
_pdbx_phasing_MR.d_res_low_translation        21.700 
_pdbx_phasing_MR.packing                      ? 
_pdbx_phasing_MR.reflns_percent_rotation      ? 
_pdbx_phasing_MR.reflns_percent_translation   ? 
_pdbx_phasing_MR.sigma_F_rotation             ? 
_pdbx_phasing_MR.sigma_F_translation          ? 
_pdbx_phasing_MR.sigma_I_rotation             ? 
_pdbx_phasing_MR.sigma_I_translation          ? 
# 
_phasing.method   MR 
# 
loop_
_chem_comp_atom.comp_id 
_chem_comp_atom.atom_id 
_chem_comp_atom.type_symbol 
_chem_comp_atom.pdbx_aromatic_flag 
_chem_comp_atom.pdbx_stereo_config 
_chem_comp_atom.pdbx_ordinal 
ASN N    N N N 1   
ASN CA   C N S 2   
ASN C    C N N 3   
ASN O    O N N 4   
ASN CB   C N N 5   
ASN CG   C N N 6   
ASN OD1  O N N 7   
ASN ND2  N N N 8   
ASN OXT  O N N 9   
ASN H    H N N 10  
ASN H2   H N N 11  
ASN HA   H N N 12  
ASN HB2  H N N 13  
ASN HB3  H N N 14  
ASN HD21 H N N 15  
ASN HD22 H N N 16  
ASN HXT  H N N 17  
ASP N    N N N 18  
ASP CA   C N S 19  
ASP C    C N N 20  
ASP O    O N N 21  
ASP CB   C N N 22  
ASP CG   C N N 23  
ASP OD1  O N N 24  
ASP OD2  O N N 25  
ASP OXT  O N N 26  
ASP H    H N N 27  
ASP H2   H N N 28  
ASP HA   H N N 29  
ASP HB2  H N N 30  
ASP HB3  H N N 31  
ASP HD2  H N N 32  
ASP HXT  H N N 33  
GLY N    N N N 34  
GLY CA   C N N 35  
GLY C    C N N 36  
GLY O    O N N 37  
GLY OXT  O N N 38  
GLY H    H N N 39  
GLY H2   H N N 40  
GLY HA2  H N N 41  
GLY HA3  H N N 42  
GLY HXT  H N N 43  
HIS N    N N N 44  
HIS CA   C N S 45  
HIS C    C N N 46  
HIS O    O N N 47  
HIS CB   C N N 48  
HIS CG   C Y N 49  
HIS ND1  N Y N 50  
HIS CD2  C Y N 51  
HIS CE1  C Y N 52  
HIS NE2  N Y N 53  
HIS OXT  O N N 54  
HIS H    H N N 55  
HIS H2   H N N 56  
HIS HA   H N N 57  
HIS HB2  H N N 58  
HIS HB3  H N N 59  
HIS HD1  H N N 60  
HIS HD2  H N N 61  
HIS HE1  H N N 62  
HIS HE2  H N N 63  
HIS HXT  H N N 64  
HOH O    O N N 65  
HOH H1   H N N 66  
HOH H2   H N N 67  
ILE N    N N N 68  
ILE CA   C N S 69  
ILE C    C N N 70  
ILE O    O N N 71  
ILE CB   C N S 72  
ILE CG1  C N N 73  
ILE CG2  C N N 74  
ILE CD1  C N N 75  
ILE OXT  O N N 76  
ILE H    H N N 77  
ILE H2   H N N 78  
ILE HA   H N N 79  
ILE HB   H N N 80  
ILE HG12 H N N 81  
ILE HG13 H N N 82  
ILE HG21 H N N 83  
ILE HG22 H N N 84  
ILE HG23 H N N 85  
ILE HD11 H N N 86  
ILE HD12 H N N 87  
ILE HD13 H N N 88  
ILE HXT  H N N 89  
MET N    N N N 90  
MET CA   C N S 91  
MET C    C N N 92  
MET O    O N N 93  
MET CB   C N N 94  
MET CG   C N N 95  
MET SD   S N N 96  
MET CE   C N N 97  
MET OXT  O N N 98  
MET H    H N N 99  
MET H2   H N N 100 
MET HA   H N N 101 
MET HB2  H N N 102 
MET HB3  H N N 103 
MET HG2  H N N 104 
MET HG3  H N N 105 
MET HE1  H N N 106 
MET HE2  H N N 107 
MET HE3  H N N 108 
MET HXT  H N N 109 
PHE N    N N N 110 
PHE CA   C N S 111 
PHE C    C N N 112 
PHE O    O N N 113 
PHE CB   C N N 114 
PHE CG   C Y N 115 
PHE CD1  C Y N 116 
PHE CD2  C Y N 117 
PHE CE1  C Y N 118 
PHE CE2  C Y N 119 
PHE CZ   C Y N 120 
PHE OXT  O N N 121 
PHE H    H N N 122 
PHE H2   H N N 123 
PHE HA   H N N 124 
PHE HB2  H N N 125 
PHE HB3  H N N 126 
PHE HD1  H N N 127 
PHE HD2  H N N 128 
PHE HE1  H N N 129 
PHE HE2  H N N 130 
PHE HZ   H N N 131 
PHE HXT  H N N 132 
TFA C1   C N N 133 
TFA C2   C N N 134 
TFA O    O N N 135 
TFA F1   F N N 136 
TFA F2   F N N 137 
TFA F3   F N N 138 
TFA OXT  O N N 139 
TFA HXT  H N N 140 
# 
loop_
_chem_comp_bond.comp_id 
_chem_comp_bond.atom_id_1 
_chem_comp_bond.atom_id_2 
_chem_comp_bond.value_order 
_chem_comp_bond.pdbx_aromatic_flag 
_chem_comp_bond.pdbx_stereo_config 
_chem_comp_bond.pdbx_ordinal 
ASN N   CA   sing N N 1   
ASN N   H    sing N N 2   
ASN N   H2   sing N N 3   
ASN CA  C    sing N N 4   
ASN CA  CB   sing N N 5   
ASN CA  HA   sing N N 6   
ASN C   O    doub N N 7   
ASN C   OXT  sing N N 8   
ASN CB  CG   sing N N 9   
ASN CB  HB2  sing N N 10  
ASN CB  HB3  sing N N 11  
ASN CG  OD1  doub N N 12  
ASN CG  ND2  sing N N 13  
ASN ND2 HD21 sing N N 14  
ASN ND2 HD22 sing N N 15  
ASN OXT HXT  sing N N 16  
ASP N   CA   sing N N 17  
ASP N   H    sing N N 18  
ASP N   H2   sing N N 19  
ASP CA  C    sing N N 20  
ASP CA  CB   sing N N 21  
ASP CA  HA   sing N N 22  
ASP C   O    doub N N 23  
ASP C   OXT  sing N N 24  
ASP CB  CG   sing N N 25  
ASP CB  HB2  sing N N 26  
ASP CB  HB3  sing N N 27  
ASP CG  OD1  doub N N 28  
ASP CG  OD2  sing N N 29  
ASP OD2 HD2  sing N N 30  
ASP OXT HXT  sing N N 31  
GLY N   CA   sing N N 32  
GLY N   H    sing N N 33  
GLY N   H2   sing N N 34  
GLY CA  C    sing N N 35  
GLY CA  HA2  sing N N 36  
GLY CA  HA3  sing N N 37  
GLY C   O    doub N N 38  
GLY C   OXT  sing N N 39  
GLY OXT HXT  sing N N 40  
HIS N   CA   sing N N 41  
HIS N   H    sing N N 42  
HIS N   H2   sing N N 43  
HIS CA  C    sing N N 44  
HIS CA  CB   sing N N 45  
HIS CA  HA   sing N N 46  
HIS C   O    doub N N 47  
HIS C   OXT  sing N N 48  
HIS CB  CG   sing N N 49  
HIS CB  HB2  sing N N 50  
HIS CB  HB3  sing N N 51  
HIS CG  ND1  sing Y N 52  
HIS CG  CD2  doub Y N 53  
HIS ND1 CE1  doub Y N 54  
HIS ND1 HD1  sing N N 55  
HIS CD2 NE2  sing Y N 56  
HIS CD2 HD2  sing N N 57  
HIS CE1 NE2  sing Y N 58  
HIS CE1 HE1  sing N N 59  
HIS NE2 HE2  sing N N 60  
HIS OXT HXT  sing N N 61  
HOH O   H1   sing N N 62  
HOH O   H2   sing N N 63  
ILE N   CA   sing N N 64  
ILE N   H    sing N N 65  
ILE N   H2   sing N N 66  
ILE CA  C    sing N N 67  
ILE CA  CB   sing N N 68  
ILE CA  HA   sing N N 69  
ILE C   O    doub N N 70  
ILE C   OXT  sing N N 71  
ILE CB  CG1  sing N N 72  
ILE CB  CG2  sing N N 73  
ILE CB  HB   sing N N 74  
ILE CG1 CD1  sing N N 75  
ILE CG1 HG12 sing N N 76  
ILE CG1 HG13 sing N N 77  
ILE CG2 HG21 sing N N 78  
ILE CG2 HG22 sing N N 79  
ILE CG2 HG23 sing N N 80  
ILE CD1 HD11 sing N N 81  
ILE CD1 HD12 sing N N 82  
ILE CD1 HD13 sing N N 83  
ILE OXT HXT  sing N N 84  
MET N   CA   sing N N 85  
MET N   H    sing N N 86  
MET N   H2   sing N N 87  
MET CA  C    sing N N 88  
MET CA  CB   sing N N 89  
MET CA  HA   sing N N 90  
MET C   O    doub N N 91  
MET C   OXT  sing N N 92  
MET CB  CG   sing N N 93  
MET CB  HB2  sing N N 94  
MET CB  HB3  sing N N 95  
MET CG  SD   sing N N 96  
MET CG  HG2  sing N N 97  
MET CG  HG3  sing N N 98  
MET SD  CE   sing N N 99  
MET CE  HE1  sing N N 100 
MET CE  HE2  sing N N 101 
MET CE  HE3  sing N N 102 
MET OXT HXT  sing N N 103 
PHE N   CA   sing N N 104 
PHE N   H    sing N N 105 
PHE N   H2   sing N N 106 
PHE CA  C    sing N N 107 
PHE CA  CB   sing N N 108 
PHE CA  HA   sing N N 109 
PHE C   O    doub N N 110 
PHE C   OXT  sing N N 111 
PHE CB  CG   sing N N 112 
PHE CB  HB2  sing N N 113 
PHE CB  HB3  sing N N 114 
PHE CG  CD1  doub Y N 115 
PHE CG  CD2  sing Y N 116 
PHE CD1 CE1  sing Y N 117 
PHE CD1 HD1  sing N N 118 
PHE CD2 CE2  doub Y N 119 
PHE CD2 HD2  sing N N 120 
PHE CE1 CZ   doub Y N 121 
PHE CE1 HE1  sing N N 122 
PHE CE2 CZ   sing Y N 123 
PHE CE2 HE2  sing N N 124 
PHE CZ  HZ   sing N N 125 
PHE OXT HXT  sing N N 126 
TFA C1  C2   sing N N 127 
TFA C1  O    doub N N 128 
TFA C1  OXT  sing N N 129 
TFA C2  F1   sing N N 130 
TFA C2  F2   sing N N 131 
TFA C2  F3   sing N N 132 
TFA OXT HXT  sing N N 133 
# 
_atom_sites.entry_id                    3NVH 
_atom_sites.fract_transf_matrix[1][1]   -0.00577566 
_atom_sites.fract_transf_matrix[1][2]   -0.02581621 
_atom_sites.fract_transf_matrix[1][3]   -0.01976906 
_atom_sites.fract_transf_matrix[2][1]   -0.14002115 
_atom_sites.fract_transf_matrix[2][2]   0.10969353 
_atom_sites.fract_transf_matrix[2][3]   -0.10233949 
_atom_sites.fract_transf_matrix[3][1]   0.02281866 
_atom_sites.fract_transf_matrix[3][2]   0.01032655 
_atom_sites.fract_transf_matrix[3][3]   -0.02015194 
_atom_sites.fract_transf_vector[1]      0.166888 
_atom_sites.fract_transf_vector[2]      -0.084496 
_atom_sites.fract_transf_vector[3]      -0.121291 
# 
loop_
_atom_type.symbol 
C 
F 
N 
O 
S 
# 
loop_
_atom_site.group_PDB 
_atom_site.id 
_atom_site.type_symbol 
_atom_site.label_atom_id 
_atom_site.label_alt_id 
_atom_site.label_comp_id 
_atom_site.label_asym_id 
_atom_site.label_entity_id 
_atom_site.label_seq_id 
_atom_site.pdbx_PDB_ins_code 
_atom_site.Cartn_x 
_atom_site.Cartn_y 
_atom_site.Cartn_z 
_atom_site.occupancy 
_atom_site.B_iso_or_equiv 
_atom_site.pdbx_formal_charge 
_atom_site.auth_seq_id 
_atom_site.auth_comp_id 
_atom_site.auth_asym_id 
_atom_site.auth_atom_id 
_atom_site.pdbx_PDB_model_num 
ATOM   1  N N   A MET A 1 1 ? -2.686 -7.153 -3.905 0.50 11.63 ? 1  MET A N   1 
ATOM   2  N N   B MET A 1 1 ? -2.685 -7.265 -3.682 0.50 10.26 ? 1  MET A N   1 
ATOM   3  C CA  A MET A 1 1 ? -1.832 -6.393 -2.934 0.50 11.93 ? 1  MET A CA  1 
ATOM   4  C CA  B MET A 1 1 ? -1.800 -6.231 -3.045 0.50 10.48 ? 1  MET A CA  1 
ATOM   5  C C   A MET A 1 1 ? -2.634 -5.343 -2.165 0.50 10.60 ? 1  MET A C   1 
ATOM   6  C C   B MET A 1 1 ? -2.617 -5.268 -2.186 0.50 9.84  ? 1  MET A C   1 
ATOM   7  O O   A MET A 1 1 ? -3.597 -4.781 -2.680 0.50 10.53 ? 1  MET A O   1 
ATOM   8  O O   B MET A 1 1 ? -3.589 -4.680 -2.664 0.50 9.74  ? 1  MET A O   1 
ATOM   9  C CB  A MET A 1 1 ? -0.672 -5.711 -3.656 0.50 12.33 ? 1  MET A CB  1 
ATOM   10 C CB  B MET A 1 1 ? -1.046 -5.443 -4.120 0.50 10.70 ? 1  MET A CB  1 
ATOM   11 C CG  A MET A 1 1 ? -0.069 -4.575 -2.858 0.50 14.57 ? 1  MET A CG  1 
ATOM   12 C CG  B MET A 1 1 ? -0.103 -4.372 -3.573 0.50 11.18 ? 1  MET A CG  1 
ATOM   13 S SD  A MET A 1 1 ? 1.371  -3.824 -3.606 0.50 18.27 ? 1  MET A SD  1 
ATOM   14 S SD  B MET A 1 1 ? 1.140  -5.083 -2.476 0.50 9.98  ? 1  MET A SD  1 
ATOM   15 C CE  A MET A 1 1 ? 2.139  -3.166 -2.123 0.50 17.21 ? 1  MET A CE  1 
ATOM   16 C CE  B MET A 1 1 ? 1.722  -3.639 -1.599 0.50 9.84  ? 1  MET A CE  1 
ATOM   17 N N   . ILE A 1 2 ? -2.215 -5.085 -0.929 1.00 9.93  ? 2  ILE A N   1 
ATOM   18 C CA  . ILE A 1 2 ? -2.776 -4.010 -0.100 1.00 8.89  ? 2  ILE A CA  1 
ATOM   19 C C   . ILE A 1 2 ? -1.591 -3.178 0.409  1.00 7.45  ? 2  ILE A C   1 
ATOM   20 O O   . ILE A 1 2 ? -0.635 -3.725 0.965  1.00 7.12  ? 2  ILE A O   1 
ATOM   21 C CB  . ILE A 1 2 ? -3.606 -4.536 1.077  1.00 9.06  ? 2  ILE A CB  1 
ATOM   22 C CG1 . ILE A 1 2 ? -4.832 -5.323 0.616  1.00 10.37 ? 2  ILE A CG1 1 
ATOM   23 C CG2 . ILE A 1 2 ? -4.097 -3.384 1.930  1.00 9.44  ? 2  ILE A CG2 1 
ATOM   24 C CD1 . ILE A 1 2 ? -5.541 -6.041 1.777  1.00 12.99 ? 2  ILE A CD1 1 
ATOM   25 N N   . HIS A 1 3 ? -1.655 -1.865 0.202  1.00 7.13  ? 3  HIS A N   1 
ATOM   26 C CA  . HIS A 1 3 ? -0.656 -0.929 0.705  1.00 6.35  ? 3  HIS A CA  1 
ATOM   27 C C   . HIS A 1 3 ? -1.279 0.160  1.583  1.00 5.72  ? 3  HIS A C   1 
ATOM   28 O O   . HIS A 1 3 ? -2.056 0.981  1.100  1.00 5.09  ? 3  HIS A O   1 
ATOM   29 C CB  . HIS A 1 3 ? 0.119  -0.304 -0.468 1.00 6.17  ? 3  HIS A CB  1 
ATOM   30 C CG  . HIS A 1 3 ? 1.226  0.621  -0.055 1.00 7.07  ? 3  HIS A CG  1 
ATOM   31 N ND1 . HIS A 1 3 ? 1.730  1.593  -0.892 1.00 8.08  ? 3  HIS A ND1 1 
ATOM   32 C CD2 . HIS A 1 3 ? 1.909  0.738  1.109  1.00 6.94  ? 3  HIS A CD2 1 
ATOM   33 C CE1 . HIS A 1 3 ? 2.707  2.240  -0.273 1.00 9.23  ? 3  HIS A CE1 1 
ATOM   34 N NE2 . HIS A 1 3 ? 2.819  1.757  0.950  1.00 8.13  ? 3  HIS A NE2 1 
ATOM   35 N N   . PHE A 1 4 ? -0.940 0.138  2.873  1.00 6.38  ? 4  PHE A N   1 
ATOM   36 C CA  . PHE A 1 4 ? -1.240 1.222  3.809  1.00 6.46  ? 4  PHE A CA  1 
ATOM   37 C C   . PHE A 1 4 ? 0.004  2.099  3.902  1.00 5.56  ? 4  PHE A C   1 
ATOM   38 O O   . PHE A 1 4 ? 0.953  1.734  4.561  1.00 5.84  ? 4  PHE A O   1 
ATOM   39 C CB  . PHE A 1 4 ? -1.541 0.712  5.218  1.00 5.94  ? 4  PHE A CB  1 
ATOM   40 C CG  . PHE A 1 4 ? -2.575 -0.404 5.298  1.00 7.22  ? 4  PHE A CG  1 
ATOM   41 C CD1 . PHE A 1 4 ? -3.903 -0.120 5.621  1.00 6.99  ? 4  PHE A CD1 1 
ATOM   42 C CD2 . PHE A 1 4 ? -2.194 -1.741 5.172  1.00 6.95  ? 4  PHE A CD2 1 
ATOM   43 C CE1 . PHE A 1 4 ? -4.847 -1.140 5.749  1.00 8.62  ? 4  PHE A CE1 1 
ATOM   44 C CE2 . PHE A 1 4 ? -3.132 -2.773 5.302  1.00 8.84  ? 4  PHE A CE2 1 
ATOM   45 C CZ  . PHE A 1 4 ? -4.458 -2.465 5.584  1.00 9.04  ? 4  PHE A CZ  1 
ATOM   46 N N   . GLY A 1 5 ? -0.010 3.248  3.249  1.00 6.29  ? 5  GLY A N   1 
ATOM   47 C CA  . GLY A 1 5 ? 1.142  4.135  3.249  1.00 6.29  ? 5  GLY A CA  1 
ATOM   48 C C   . GLY A 1 5 ? 1.325  4.831  1.931  1.00 7.20  ? 5  GLY A C   1 
ATOM   49 O O   . GLY A 1 5 ? 0.642  4.526  0.950  1.00 7.56  ? 5  GLY A O   1 
ATOM   50 N N   . ASN A 1 6 ? 2.251  5.785  1.924  1.00 6.97  ? 6  ASN A N   1 
ATOM   51 C CA  . ASN A 1 6 ? 2.575  6.557  0.724  1.00 7.30  ? 6  ASN A CA  1 
ATOM   52 C C   . ASN A 1 6 ? 3.571  5.822  -0.157 1.00 8.74  ? 6  ASN A C   1 
ATOM   53 O O   . ASN A 1 6 ? 4.345  5.029  0.346  1.00 9.30  ? 6  ASN A O   1 
ATOM   54 C CB  . ASN A 1 6 ? 3.196  7.904  1.118  1.00 7.33  ? 6  ASN A CB  1 
ATOM   55 C CG  . ASN A 1 6 ? 2.225  8.831  1.814  1.00 7.51  ? 6  ASN A CG  1 
ATOM   56 O OD1 . ASN A 1 6 ? 1.039  8.953  1.426  1.00 8.41  ? 6  ASN A OD1 1 
ATOM   57 N ND2 . ASN A 1 6 ? 2.739  9.580  2.792  1.00 9.63  ? 6  ASN A ND2 1 
ATOM   58 N N   . ASP A 1 7 ? 3.540  6.108  -1.456 1.00 9.69  ? 7  ASP A N   1 
ATOM   59 C CA  . ASP A 1 7 ? 4.587  5.650  -2.408 1.00 12.16 ? 7  ASP A CA  1 
ATOM   60 C C   . ASP A 1 7 ? 5.788  6.585  -2.414 1.00 14.21 ? 7  ASP A C   1 
ATOM   61 O O   . ASP A 1 7 ? 6.877  6.212  -2.879 1.00 15.56 ? 7  ASP A O   1 
ATOM   62 C CB  . ASP A 1 7 ? 4.060  5.640  -3.835 1.00 12.79 ? 7  ASP A CB  1 
ATOM   63 C CG  . ASP A 1 7 ? 2.897  4.703  -4.040 1.00 13.39 ? 7  ASP A CG  1 
ATOM   64 O OD1 . ASP A 1 7 ? 2.322  4.773  -5.154 1.00 15.65 ? 7  ASP A OD1 1 
ATOM   65 O OD2 . ASP A 1 7 ? 2.539  3.919  -3.128 1.00 17.13 ? 7  ASP A OD2 1 
ATOM   66 O OXT . ASP A 1 7 ? 5.698  7.740  -1.999 1.00 14.91 ? 7  ASP A OXT 1 
HETATM 67 C C1  . TFA B 2 . ? 1.615  13.050 4.323  1.00 32.54 ? 8  TFA A C1  1 
HETATM 68 C C2  . TFA B 2 . ? 0.225  12.482 4.188  1.00 32.66 ? 8  TFA A C2  1 
HETATM 69 O O   . TFA B 2 . ? 2.552  12.354 3.883  1.00 31.83 ? 8  TFA A O   1 
HETATM 70 F F1  . TFA B 2 . ? -0.436 13.180 3.292  1.00 34.61 ? 8  TFA A F1  1 
HETATM 71 F F2  . TFA B 2 . ? -0.453 12.519 5.312  1.00 32.35 ? 8  TFA A F2  1 
HETATM 72 F F3  . TFA B 2 . ? 0.345  11.234 3.793  1.00 33.17 ? 8  TFA A F3  1 
HETATM 73 O OXT . TFA B 2 . ? 1.774  14.177 4.842  1.00 31.63 ? 8  TFA A OXT 1 
HETATM 74 O O   . HOH C 3 . ? 4.699  13.312 5.191  1.00 13.86 ? 9  HOH A O   1 
HETATM 75 O O   . HOH C 3 . ? -6.646 -6.380 -2.366 1.00 31.10 ? 10 HOH A O   1 
HETATM 76 O O   . HOH C 3 . ? -4.420 -8.664 -2.070 1.00 39.48 ? 11 HOH A O   1 
# 
